data_2H2W
#
_entry.id   2H2W
#
_cell.length_a   72.609
_cell.length_b   72.609
_cell.length_c   126.913
_cell.angle_alpha   90.000
_cell.angle_beta   90.000
_cell.angle_gamma   120.000
#
_symmetry.space_group_name_H-M   'P 31 2 1'
#
loop_
_entity.id
_entity.type
_entity.pdbx_description
1 polymer 'Homoserine O-succinyltransferase'
2 water water
#
_entity_poly.entity_id   1
_entity_poly.type   'polypeptide(L)'
_entity_poly.pdbx_seq_one_letter_code
;MGSDKIHHHHHHMPINVPSGLPAVKVLAKEGIFVMTEKRAIHQDIRPLEILILNLMPDKIKTEIQLLRLLGNTPLQVNVT
LLYTETHKPKHTPIEHILKFYTTFSAVKDRKFDGFIITGAPVELLPFEEVDYWEELTEIMEWSRHNVYSTMFICWAAQAG
LYYFYGIPKYELPQKLSGVYKHRVAKDSVLFRGHDDFFWAPHSRYTEVKKEDIDKVPELEILAESDEAGVYVVANKSERQ
IFVTGHPEYDRYTLRDEYYRDIGRNLKVPIPANYFPNDDPTKTPILTWWSHAHLFFSNWLNYCIYQKTPYRL
;
_entity_poly.pdbx_strand_id   A
#
# COMPACT_ATOMS: atom_id res chain seq x y z
N PRO A 14 -9.43 13.25 14.06
CA PRO A 14 -10.00 11.98 13.65
C PRO A 14 -8.99 10.83 13.71
N ILE A 15 -7.84 10.99 13.05
CA ILE A 15 -6.83 9.96 13.12
C ILE A 15 -5.81 10.21 14.25
N ASN A 16 -5.52 9.14 15.01
CA ASN A 16 -4.63 9.19 16.17
C ASN A 16 -3.34 8.41 15.92
N VAL A 17 -2.24 8.99 16.35
CA VAL A 17 -0.93 8.49 15.99
C VAL A 17 0.08 8.81 17.12
N PRO A 18 1.23 8.13 17.15
CA PRO A 18 2.29 8.43 18.15
C PRO A 18 2.77 9.88 18.23
N SER A 19 3.11 10.32 19.43
CA SER A 19 3.29 11.75 19.74
C SER A 19 4.19 12.55 18.79
N GLY A 20 5.42 12.09 18.58
CA GLY A 20 6.38 12.88 17.82
C GLY A 20 6.48 12.58 16.33
N LEU A 21 5.47 11.94 15.77
CA LEU A 21 5.55 11.50 14.39
C LEU A 21 5.66 12.70 13.47
N PRO A 22 6.66 12.70 12.57
CA PRO A 22 6.85 13.79 11.60
C PRO A 22 5.58 14.13 10.82
N ALA A 23 4.76 13.11 10.56
CA ALA A 23 3.54 13.26 9.78
C ALA A 23 2.58 14.30 10.39
N VAL A 24 2.58 14.39 11.71
CA VAL A 24 1.68 15.31 12.38
C VAL A 24 1.83 16.73 11.82
N LYS A 25 3.05 17.26 11.92
CA LYS A 25 3.37 18.60 11.44
C LYS A 25 3.27 18.72 9.91
N VAL A 26 3.66 17.67 9.19
CA VAL A 26 3.52 17.68 7.73
C VAL A 26 2.05 17.77 7.32
N LEU A 27 1.23 16.88 7.89
CA LEU A 27 -0.19 16.82 7.53
C LEU A 27 -0.93 18.05 8.02
N ALA A 28 -0.54 18.56 9.18
CA ALA A 28 -1.09 19.81 9.69
C ALA A 28 -1.09 20.93 8.61
N LYS A 29 -0.09 20.92 7.73
CA LYS A 29 0.03 21.91 6.63
C LYS A 29 -1.05 21.79 5.57
N GLU A 30 -1.67 20.62 5.48
CA GLU A 30 -2.74 20.37 4.49
C GLU A 30 -4.13 20.33 5.16
N GLY A 31 -4.25 20.91 6.35
CA GLY A 31 -5.53 20.96 7.06
C GLY A 31 -5.84 19.67 7.81
N ILE A 32 -5.10 18.62 7.48
CA ILE A 32 -5.26 17.33 8.14
C ILE A 32 -4.57 17.38 9.52
N PHE A 33 -5.39 17.54 10.56
CA PHE A 33 -4.92 17.63 11.94
C PHE A 33 -4.98 16.28 12.59
N VAL A 34 -3.84 15.59 12.59
CA VAL A 34 -3.69 14.35 13.31
C VAL A 34 -3.87 14.68 14.79
N MET A 35 -3.71 13.67 15.66
CA MET A 35 -3.78 13.91 17.09
C MET A 35 -2.89 12.92 17.84
N THR A 36 -2.63 13.20 19.12
CA THR A 36 -1.82 12.35 19.98
C THR A 36 -2.27 12.40 21.44
N GLU A 37 -3.49 11.95 21.73
CA GLU A 37 -4.01 11.94 23.10
C GLU A 37 -4.50 10.54 23.44
N LYS A 38 -5.49 10.44 24.33
CA LYS A 38 -6.09 9.15 24.68
C LYS A 38 -7.06 8.67 23.60
N ILE A 45 -20.23 4.44 19.29
CA ILE A 45 -19.27 3.77 18.41
C ILE A 45 -17.82 4.05 18.86
N ARG A 46 -16.95 3.07 18.66
CA ARG A 46 -15.55 3.18 19.08
C ARG A 46 -14.63 3.41 17.88
N PRO A 47 -13.44 3.97 18.12
CA PRO A 47 -12.45 4.18 17.07
C PRO A 47 -12.00 2.89 16.38
N LEU A 48 -11.68 3.00 15.09
CA LEU A 48 -11.18 1.86 14.34
C LEU A 48 -9.71 1.69 14.67
N GLU A 49 -9.30 0.45 14.84
CA GLU A 49 -7.92 0.15 15.09
C GLU A 49 -7.29 -0.30 13.79
N ILE A 50 -6.38 0.53 13.30
CA ILE A 50 -5.73 0.28 12.02
C ILE A 50 -4.23 0.07 12.23
N LEU A 51 -3.77 -1.10 11.83
CA LEU A 51 -2.38 -1.50 11.98
C LEU A 51 -1.67 -1.32 10.65
N ILE A 52 -0.45 -0.79 10.69
CA ILE A 52 0.37 -0.66 9.47
C ILE A 52 1.70 -1.34 9.68
N LEU A 53 2.03 -2.32 8.83
CA LEU A 53 3.32 -2.97 8.87
C LEU A 53 4.12 -2.34 7.79
N ASN A 54 4.95 -1.39 8.20
CA ASN A 54 5.66 -0.57 7.25
C ASN A 54 6.99 -1.24 6.87
N LEU A 55 7.04 -1.80 5.66
CA LEU A 55 8.23 -2.45 5.13
C LEU A 55 8.99 -1.56 4.14
N MET A 56 8.59 -0.31 3.99
CA MET A 56 9.23 0.55 3.02
C MET A 56 10.61 1.02 3.48
N PRO A 57 11.45 1.43 2.52
CA PRO A 57 12.78 1.85 2.91
C PRO A 57 12.72 3.26 3.51
N ASP A 58 11.87 4.11 2.92
CA ASP A 58 11.60 5.45 3.44
C ASP A 58 10.31 5.41 4.24
N LYS A 59 10.45 5.08 5.53
CA LYS A 59 9.30 4.81 6.38
C LYS A 59 8.53 6.06 6.74
N ILE A 60 9.22 7.18 6.81
CA ILE A 60 8.59 8.44 7.15
C ILE A 60 7.70 8.92 6.05
N LYS A 61 8.16 8.78 4.80
CA LYS A 61 7.35 9.19 3.63
C LYS A 61 6.05 8.40 3.55
N THR A 62 6.19 7.08 3.59
CA THR A 62 5.05 6.14 3.50
C THR A 62 4.01 6.41 4.60
N GLU A 63 4.48 6.70 5.82
CA GLU A 63 3.58 7.06 6.91
C GLU A 63 2.68 8.21 6.49
N ILE A 64 3.32 9.25 6.00
CA ILE A 64 2.63 10.47 5.59
C ILE A 64 1.60 10.19 4.48
N GLN A 65 2.01 9.43 3.47
CA GLN A 65 1.13 9.10 2.34
C GLN A 65 -0.06 8.27 2.76
N LEU A 66 0.14 7.30 3.65
CA LEU A 66 -0.97 6.45 4.08
C LEU A 66 -1.87 7.17 5.05
N LEU A 67 -1.28 7.96 5.93
CA LEU A 67 -2.05 8.63 6.96
C LEU A 67 -2.95 9.68 6.33
N ARG A 68 -2.48 10.23 5.21
CA ARG A 68 -3.27 11.21 4.48
C ARG A 68 -4.63 10.63 4.06
N LEU A 69 -4.64 9.35 3.70
CA LEU A 69 -5.82 8.73 3.14
C LEU A 69 -6.68 8.04 4.19
N LEU A 70 -6.06 7.58 5.27
CA LEU A 70 -6.81 7.03 6.39
C LEU A 70 -7.55 8.11 7.18
N GLY A 71 -7.10 9.36 7.04
CA GLY A 71 -7.67 10.46 7.81
C GLY A 71 -8.84 11.13 7.14
N ASN A 72 -8.88 11.07 5.81
CA ASN A 72 -9.98 11.64 5.03
C ASN A 72 -11.28 10.88 5.28
N THR A 73 -12.03 11.28 6.31
CA THR A 73 -13.14 10.47 6.82
C THR A 73 -13.67 11.13 8.09
N PRO A 74 -14.89 10.78 8.48
CA PRO A 74 -15.47 11.28 9.73
C PRO A 74 -15.28 10.24 10.85
N LEU A 75 -14.78 9.05 10.53
CA LEU A 75 -14.57 8.03 11.54
C LEU A 75 -13.26 8.26 12.27
N GLN A 76 -13.24 7.90 13.55
CA GLN A 76 -12.01 7.95 14.35
C GLN A 76 -11.15 6.72 14.10
N VAL A 77 -9.91 6.97 13.70
CA VAL A 77 -8.96 5.90 13.47
C VAL A 77 -7.81 6.00 14.46
N ASN A 78 -7.46 4.88 15.06
CA ASN A 78 -6.25 4.80 15.88
C ASN A 78 -5.25 3.95 15.12
N VAL A 79 -4.04 4.49 14.91
CA VAL A 79 -3.04 3.83 14.08
C VAL A 79 -1.92 3.27 14.89
N THR A 80 -1.56 2.02 14.59
CA THR A 80 -0.47 1.36 15.24
C THR A 80 0.57 0.90 14.21
N LEU A 81 1.81 1.29 14.46
CA LEU A 81 2.91 1.13 13.51
C LEU A 81 3.76 -0.05 13.89
N LEU A 82 3.90 -0.99 12.95
CA LEU A 82 4.53 -2.25 13.24
C LEU A 82 5.75 -2.44 12.36
N TYR A 83 6.76 -3.13 12.90
CA TYR A 83 7.91 -3.48 12.13
C TYR A 83 8.39 -4.90 12.44
N THR A 84 9.22 -5.44 11.55
CA THR A 84 9.95 -6.69 11.81
C THR A 84 11.04 -6.54 12.87
N GLU A 85 11.29 -7.62 13.60
CA GLU A 85 12.42 -7.69 14.50
C GLU A 85 13.73 -7.87 13.73
N THR A 86 13.63 -8.23 12.45
CA THR A 86 14.78 -8.23 11.54
C THR A 86 14.95 -6.85 10.90
N HIS A 87 16.00 -6.14 11.28
CA HIS A 87 16.31 -4.85 10.67
C HIS A 87 17.70 -4.86 10.05
N LYS A 88 17.73 -4.80 8.72
CA LYS A 88 18.95 -4.50 8.00
C LYS A 88 18.80 -3.05 7.51
N PRO A 89 19.65 -2.14 8.01
CA PRO A 89 19.36 -0.71 7.81
C PRO A 89 19.37 -0.31 6.34
N LYS A 90 18.23 0.19 5.88
CA LYS A 90 18.08 0.67 4.51
C LYS A 90 18.27 2.18 4.51
N HIS A 91 17.18 2.91 4.29
CA HIS A 91 17.19 4.36 4.38
C HIS A 91 16.93 4.84 5.83
N THR A 92 15.70 4.71 6.30
CA THR A 92 15.27 5.25 7.61
C THR A 92 16.24 4.99 8.77
N PRO A 93 16.51 6.02 9.56
CA PRO A 93 17.48 5.88 10.63
C PRO A 93 16.90 5.06 11.77
N ILE A 94 17.78 4.40 12.50
CA ILE A 94 17.38 3.49 13.54
C ILE A 94 16.56 4.20 14.64
N GLU A 95 16.85 5.46 14.94
CA GLU A 95 16.18 6.20 16.03
C GLU A 95 14.67 6.28 15.85
N HIS A 96 14.23 6.47 14.61
CA HIS A 96 12.83 6.66 14.29
C HIS A 96 12.06 5.35 14.45
N ILE A 97 12.69 4.26 14.04
CA ILE A 97 12.08 2.96 14.16
C ILE A 97 12.02 2.58 15.64
N LEU A 98 13.08 2.88 16.37
CA LEU A 98 13.11 2.64 17.82
C LEU A 98 12.04 3.45 18.57
N LYS A 99 11.74 4.66 18.11
CA LYS A 99 10.80 5.51 18.84
C LYS A 99 9.34 5.18 18.57
N PHE A 100 9.00 4.87 17.32
CA PHE A 100 7.58 4.86 16.90
C PHE A 100 7.02 3.49 16.60
N TYR A 101 7.89 2.50 16.46
CA TYR A 101 7.48 1.19 15.97
C TYR A 101 7.49 0.10 17.01
N THR A 102 6.53 -0.81 16.89
CA THR A 102 6.44 -1.91 17.83
C THR A 102 6.55 -3.21 17.06
N THR A 103 6.59 -4.34 17.77
CA THR A 103 6.83 -5.66 17.14
C THR A 103 5.57 -6.53 17.17
N PHE A 104 5.59 -7.62 16.42
CA PHE A 104 4.46 -8.55 16.40
C PHE A 104 4.09 -8.95 17.82
N SER A 105 5.09 -9.32 18.60
CA SER A 105 4.88 -9.79 19.99
C SER A 105 4.01 -8.85 20.84
N ALA A 106 4.12 -7.55 20.63
CA ALA A 106 3.36 -6.63 21.46
C ALA A 106 1.92 -6.50 20.96
N VAL A 107 1.59 -7.16 19.86
CA VAL A 107 0.24 -7.03 19.32
C VAL A 107 -0.43 -8.35 18.95
N LYS A 108 0.27 -9.47 19.14
CA LYS A 108 -0.31 -10.80 18.95
C LYS A 108 -1.73 -10.84 19.52
N ASP A 109 -1.88 -10.27 20.72
CA ASP A 109 -3.02 -10.49 21.57
C ASP A 109 -4.18 -9.55 21.30
N ARG A 110 -3.92 -8.51 20.53
CA ARG A 110 -4.95 -7.55 20.19
C ARG A 110 -5.65 -7.96 18.89
N LYS A 111 -6.82 -7.36 18.64
CA LYS A 111 -7.52 -7.52 17.38
C LYS A 111 -7.63 -6.13 16.73
N PHE A 112 -7.64 -6.09 15.41
CA PHE A 112 -7.64 -4.84 14.67
C PHE A 112 -8.71 -4.86 13.60
N ASP A 113 -9.27 -3.70 13.27
CA ASP A 113 -10.34 -3.65 12.28
C ASP A 113 -9.76 -3.69 10.89
N GLY A 114 -8.59 -3.11 10.76
CA GLY A 114 -7.91 -3.04 9.50
C GLY A 114 -6.42 -3.12 9.65
N PHE A 115 -5.75 -3.53 8.58
CA PHE A 115 -4.31 -3.74 8.60
C PHE A 115 -3.76 -3.46 7.21
N ILE A 116 -2.78 -2.58 7.12
CA ILE A 116 -2.10 -2.35 5.85
C ILE A 116 -0.67 -2.87 5.91
N ILE A 117 -0.30 -3.70 4.94
CA ILE A 117 1.09 -4.13 4.78
C ILE A 117 1.62 -3.53 3.49
N THR A 118 2.64 -2.70 3.59
CA THR A 118 3.06 -1.84 2.49
C THR A 118 4.04 -2.53 1.58
N GLY A 119 4.50 -1.80 0.57
CA GLY A 119 5.44 -2.37 -0.39
C GLY A 119 6.80 -2.64 0.20
N ALA A 120 7.67 -3.26 -0.59
CA ALA A 120 9.07 -3.35 -0.25
C ALA A 120 9.90 -3.55 -1.51
N PRO A 121 11.18 -3.15 -1.48
CA PRO A 121 12.08 -3.23 -2.63
C PRO A 121 12.73 -4.60 -2.78
N VAL A 122 11.88 -5.63 -2.82
CA VAL A 122 12.29 -7.01 -2.58
C VAL A 122 11.77 -8.00 -3.65
N GLU A 123 11.22 -7.46 -4.73
CA GLU A 123 10.53 -8.29 -5.73
C GLU A 123 11.43 -9.38 -6.31
N LEU A 124 12.72 -9.07 -6.43
CA LEU A 124 13.63 -9.87 -7.26
C LEU A 124 14.20 -11.13 -6.58
N LEU A 125 13.92 -11.32 -5.30
CA LEU A 125 14.28 -12.56 -4.63
C LEU A 125 13.09 -13.48 -4.57
N PRO A 126 13.33 -14.79 -4.56
CA PRO A 126 12.22 -15.67 -4.26
C PRO A 126 11.64 -15.29 -2.89
N PHE A 127 10.36 -15.57 -2.66
CA PHE A 127 9.72 -15.14 -1.42
C PHE A 127 10.44 -15.70 -0.20
N GLU A 128 10.69 -17.01 -0.24
CA GLU A 128 11.32 -17.71 0.89
C GLU A 128 12.77 -17.29 1.16
N GLU A 129 13.41 -16.63 0.21
CA GLU A 129 14.75 -16.12 0.46
C GLU A 129 14.74 -14.63 0.77
N VAL A 130 13.72 -14.17 1.48
CA VAL A 130 13.71 -12.81 2.03
C VAL A 130 14.01 -12.93 3.51
N ASP A 131 14.83 -12.02 4.03
CA ASP A 131 15.33 -12.11 5.42
C ASP A 131 14.24 -12.63 6.34
N TYR A 132 13.09 -11.97 6.23
CA TYR A 132 12.04 -11.99 7.23
C TYR A 132 10.74 -12.63 6.73
N TRP A 133 10.83 -13.40 5.66
CA TRP A 133 9.67 -14.15 5.18
C TRP A 133 8.96 -14.93 6.30
N GLU A 134 9.72 -15.62 7.13
CA GLU A 134 9.13 -16.40 8.23
C GLU A 134 8.40 -15.55 9.26
N GLU A 135 8.91 -14.34 9.54
CA GLU A 135 8.20 -13.43 10.42
C GLU A 135 6.92 -12.97 9.76
N LEU A 136 7.07 -12.54 8.52
CA LEU A 136 5.98 -12.03 7.76
C LEU A 136 4.84 -13.05 7.70
N THR A 137 5.23 -14.29 7.45
CA THR A 137 4.32 -15.42 7.34
C THR A 137 3.47 -15.60 8.60
N GLU A 138 4.11 -15.47 9.77
CA GLU A 138 3.44 -15.61 11.06
C GLU A 138 2.44 -14.47 11.25
N ILE A 139 2.85 -13.28 10.85
CA ILE A 139 2.01 -12.10 10.94
C ILE A 139 0.83 -12.22 9.99
N MET A 140 1.12 -12.53 8.73
CA MET A 140 0.06 -12.75 7.75
C MET A 140 -0.98 -13.75 8.28
N GLU A 141 -0.51 -14.90 8.74
CA GLU A 141 -1.40 -15.95 9.25
C GLU A 141 -2.27 -15.44 10.41
N TRP A 142 -1.63 -14.75 11.34
CA TRP A 142 -2.32 -14.11 12.45
C TRP A 142 -3.43 -13.17 11.95
N SER A 143 -3.15 -12.36 10.94
CA SER A 143 -4.11 -11.36 10.43
C SER A 143 -5.39 -11.99 9.84
N ARG A 144 -5.24 -13.21 9.36
CA ARG A 144 -6.35 -14.04 8.93
C ARG A 144 -7.40 -14.16 10.02
N HIS A 145 -6.98 -14.12 11.28
CA HIS A 145 -7.86 -14.34 12.41
C HIS A 145 -8.09 -13.11 13.30
N ASN A 146 -7.11 -12.22 13.41
CA ASN A 146 -7.19 -11.08 14.32
C ASN A 146 -7.42 -9.71 13.64
N VAL A 147 -7.46 -9.69 12.31
CA VAL A 147 -7.73 -8.44 11.61
C VAL A 147 -8.96 -8.60 10.71
N TYR A 148 -9.89 -7.65 10.75
CA TYR A 148 -11.08 -7.83 9.93
C TYR A 148 -10.73 -7.78 8.45
N SER A 149 -10.15 -6.67 8.00
CA SER A 149 -9.78 -6.53 6.60
C SER A 149 -8.32 -6.15 6.49
N THR A 150 -7.54 -6.96 5.78
CA THR A 150 -6.13 -6.69 5.57
C THR A 150 -5.88 -6.26 4.12
N MET A 151 -5.19 -5.13 3.96
CA MET A 151 -4.82 -4.61 2.64
C MET A 151 -3.30 -4.79 2.43
N PHE A 152 -2.93 -5.37 1.29
CA PHE A 152 -1.56 -5.70 0.96
C PHE A 152 -1.14 -4.90 -0.26
N ILE A 153 -0.11 -4.06 -0.13
CA ILE A 153 0.30 -3.20 -1.23
C ILE A 153 1.65 -3.53 -1.83
N CYS A 154 1.74 -3.34 -3.14
CA CYS A 154 2.96 -3.55 -3.93
C CYS A 154 3.50 -4.96 -3.76
N TRP A 155 4.74 -5.09 -3.32
CA TRP A 155 5.30 -6.42 -3.11
C TRP A 155 4.49 -7.25 -2.08
N ALA A 156 3.80 -6.57 -1.16
CA ALA A 156 2.99 -7.28 -0.17
C ALA A 156 1.80 -7.98 -0.81
N ALA A 157 1.22 -7.37 -1.84
CA ALA A 157 0.17 -8.03 -2.58
C ALA A 157 0.68 -9.36 -3.07
N GLN A 158 1.91 -9.36 -3.57
CA GLN A 158 2.50 -10.58 -4.12
C GLN A 158 2.81 -11.57 -3.03
N ALA A 159 3.38 -11.08 -1.93
CA ALA A 159 3.69 -11.96 -0.82
C ALA A 159 2.43 -12.69 -0.35
N GLY A 160 1.34 -11.92 -0.20
CA GLY A 160 0.06 -12.46 0.29
C GLY A 160 -0.66 -13.35 -0.71
N LEU A 161 -0.73 -12.91 -1.96
CA LEU A 161 -1.32 -13.74 -2.98
C LEU A 161 -0.56 -15.06 -3.05
N TYR A 162 0.75 -14.99 -2.84
CA TYR A 162 1.53 -16.21 -2.90
C TYR A 162 1.23 -17.07 -1.69
N TYR A 163 1.39 -16.50 -0.50
CA TYR A 163 1.28 -17.28 0.72
C TYR A 163 -0.12 -17.87 0.95
N PHE A 164 -1.17 -17.11 0.68
CA PHE A 164 -2.54 -17.59 0.92
C PHE A 164 -3.11 -18.42 -0.24
N TYR A 165 -2.72 -18.13 -1.47
CA TYR A 165 -3.39 -18.78 -2.60
C TYR A 165 -2.45 -19.49 -3.59
N GLY A 166 -1.14 -19.44 -3.35
CA GLY A 166 -0.20 -20.15 -4.20
C GLY A 166 0.08 -19.37 -5.47
N ILE A 167 -0.27 -18.10 -5.47
CA ILE A 167 -0.10 -17.29 -6.68
C ILE A 167 1.30 -16.72 -6.81
N PRO A 168 2.02 -17.19 -7.83
CA PRO A 168 3.40 -16.90 -8.10
C PRO A 168 3.56 -15.57 -8.76
N LYS A 169 4.76 -15.01 -8.67
CA LYS A 169 5.08 -13.74 -9.32
C LYS A 169 6.03 -14.05 -10.48
N TYR A 170 6.21 -13.06 -11.35
CA TYR A 170 7.07 -13.23 -12.50
C TYR A 170 7.83 -11.94 -12.69
N GLU A 171 9.05 -12.06 -13.18
CA GLU A 171 9.85 -10.90 -13.53
C GLU A 171 9.29 -10.30 -14.82
N LEU A 172 9.31 -8.97 -14.91
CA LEU A 172 8.88 -8.29 -16.13
C LEU A 172 10.10 -8.04 -17.01
N PRO A 173 9.90 -7.97 -18.35
CA PRO A 173 11.00 -7.70 -19.27
C PRO A 173 11.75 -6.45 -18.83
N GLN A 174 11.00 -5.45 -18.37
CA GLN A 174 11.58 -4.23 -17.84
C GLN A 174 10.68 -3.72 -16.74
N LYS A 175 11.04 -2.58 -16.17
CA LYS A 175 10.36 -2.08 -15.00
C LYS A 175 9.09 -1.36 -15.40
N LEU A 176 8.02 -1.64 -14.65
CA LEU A 176 6.78 -0.91 -14.76
C LEU A 176 6.86 0.31 -13.83
N SER A 177 6.96 1.50 -14.40
CA SER A 177 7.16 2.71 -13.63
C SER A 177 6.43 3.85 -14.28
N GLY A 178 5.32 4.27 -13.70
CA GLY A 178 4.55 5.37 -14.24
C GLY A 178 3.16 5.44 -13.64
N VAL A 179 2.28 6.19 -14.31
CA VAL A 179 0.87 6.24 -13.95
C VAL A 179 0.07 5.59 -15.07
N TYR A 180 -0.76 4.62 -14.72
CA TYR A 180 -1.44 3.84 -15.73
C TYR A 180 -2.95 3.95 -15.55
N LYS A 181 -3.66 3.73 -16.65
CA LYS A 181 -5.09 3.94 -16.69
C LYS A 181 -5.73 2.61 -16.40
N HIS A 182 -6.82 2.63 -15.63
CA HIS A 182 -7.45 1.40 -15.20
C HIS A 182 -8.95 1.43 -15.41
N ARG A 183 -9.54 0.26 -15.42
CA ARG A 183 -10.98 0.09 -15.47
C ARG A 183 -11.39 -0.78 -14.27
N VAL A 184 -12.67 -0.74 -13.92
CA VAL A 184 -13.19 -1.66 -12.92
C VAL A 184 -13.65 -2.94 -13.63
N ALA A 185 -13.14 -4.07 -13.18
CA ALA A 185 -13.39 -5.36 -13.80
C ALA A 185 -14.53 -6.12 -13.14
N LYS A 186 -14.81 -5.76 -11.89
CA LYS A 186 -15.80 -6.45 -11.10
C LYS A 186 -16.29 -5.48 -10.03
N ASP A 187 -17.61 -5.38 -9.85
CA ASP A 187 -18.15 -4.40 -8.91
C ASP A 187 -17.75 -4.71 -7.50
N SER A 188 -17.37 -3.66 -6.78
CA SER A 188 -17.10 -3.76 -5.37
C SER A 188 -17.39 -2.40 -4.75
N VAL A 189 -17.80 -2.41 -3.49
CA VAL A 189 -18.00 -1.15 -2.77
C VAL A 189 -16.72 -0.30 -2.76
N LEU A 190 -15.58 -0.95 -2.91
CA LEU A 190 -14.28 -0.25 -2.92
C LEU A 190 -14.18 0.77 -4.02
N PHE A 191 -15.01 0.62 -5.05
CA PHE A 191 -14.96 1.48 -6.22
C PHE A 191 -16.20 2.32 -6.38
N ARG A 192 -17.01 2.41 -5.33
CA ARG A 192 -18.08 3.40 -5.31
C ARG A 192 -17.46 4.80 -5.61
N GLY A 193 -18.18 5.59 -6.41
CA GLY A 193 -17.76 6.92 -6.85
C GLY A 193 -16.75 6.97 -8.00
N HIS A 194 -16.35 5.82 -8.51
CA HIS A 194 -15.37 5.85 -9.57
C HIS A 194 -15.94 6.13 -10.95
N ASP A 195 -15.13 6.77 -11.77
CA ASP A 195 -15.45 7.03 -13.16
C ASP A 195 -15.20 5.73 -13.92
N ASP A 196 -15.52 5.72 -15.19
CA ASP A 196 -15.30 4.54 -16.02
C ASP A 196 -13.82 4.16 -15.98
N PHE A 197 -12.95 5.17 -16.00
CA PHE A 197 -11.50 4.97 -16.08
C PHE A 197 -10.81 5.81 -15.04
N PHE A 198 -9.80 5.23 -14.40
CA PHE A 198 -9.06 6.03 -13.43
C PHE A 198 -7.57 5.70 -13.49
N TRP A 199 -6.78 6.53 -12.81
CA TRP A 199 -5.36 6.40 -12.88
C TRP A 199 -4.79 5.97 -11.53
N ALA A 200 -3.72 5.18 -11.58
CA ALA A 200 -2.96 4.80 -10.38
C ALA A 200 -1.51 4.56 -10.75
N PRO A 201 -0.58 4.98 -9.89
CA PRO A 201 0.82 4.69 -10.12
C PRO A 201 1.20 3.23 -9.83
N HIS A 202 2.13 2.71 -10.63
CA HIS A 202 2.77 1.40 -10.41
C HIS A 202 4.26 1.60 -10.55
N SER A 203 5.03 0.85 -9.77
CA SER A 203 6.51 0.98 -9.75
C SER A 203 7.06 -0.32 -9.25
N ARG A 204 7.33 -1.25 -10.18
CA ARG A 204 7.72 -2.59 -9.79
C ARG A 204 8.32 -3.37 -10.98
N TYR A 205 9.12 -4.41 -10.66
CA TYR A 205 9.86 -5.19 -11.65
C TYR A 205 9.25 -6.57 -11.82
N THR A 206 8.24 -6.89 -11.01
CA THR A 206 7.56 -8.18 -11.10
C THR A 206 6.06 -8.02 -11.19
N GLU A 207 5.34 -9.12 -11.41
CA GLU A 207 3.88 -9.05 -11.51
C GLU A 207 3.22 -10.36 -11.20
N VAL A 208 1.93 -10.32 -10.92
CA VAL A 208 1.12 -11.53 -10.93
C VAL A 208 0.22 -11.51 -12.16
N LYS A 209 -0.48 -12.61 -12.43
CA LYS A 209 -1.21 -12.79 -13.69
C LYS A 209 -2.69 -13.19 -13.59
N LYS A 210 -3.53 -12.57 -14.42
CA LYS A 210 -4.93 -12.95 -14.53
C LYS A 210 -5.04 -14.46 -14.60
N GLU A 211 -4.13 -15.08 -15.35
CA GLU A 211 -4.30 -16.47 -15.72
C GLU A 211 -4.04 -17.42 -14.55
N ASP A 212 -3.25 -17.00 -13.59
CA ASP A 212 -3.05 -17.77 -12.36
C ASP A 212 -4.21 -17.53 -11.40
N ILE A 213 -4.44 -16.25 -11.11
CA ILE A 213 -5.54 -15.80 -10.29
C ILE A 213 -6.90 -16.39 -10.71
N ASP A 214 -7.08 -16.53 -12.01
CA ASP A 214 -8.32 -17.04 -12.58
C ASP A 214 -8.64 -18.47 -12.11
N LYS A 215 -7.62 -19.18 -11.62
CA LYS A 215 -7.78 -20.58 -11.22
C LYS A 215 -8.18 -20.72 -9.74
N VAL A 216 -8.32 -19.59 -9.06
CA VAL A 216 -8.66 -19.57 -7.65
C VAL A 216 -9.99 -18.88 -7.45
N PRO A 217 -11.04 -19.66 -7.18
CA PRO A 217 -12.41 -19.10 -7.11
C PRO A 217 -12.58 -18.10 -5.96
N GLU A 218 -11.85 -18.31 -4.88
CA GLU A 218 -11.88 -17.41 -3.73
CA GLU A 218 -11.92 -17.39 -3.74
C GLU A 218 -11.46 -15.98 -4.13
N LEU A 219 -10.67 -15.87 -5.20
CA LEU A 219 -10.17 -14.56 -5.60
C LEU A 219 -11.03 -13.92 -6.69
N GLU A 220 -11.07 -12.60 -6.68
CA GLU A 220 -11.75 -11.85 -7.74
C GLU A 220 -10.95 -10.60 -8.08
N ILE A 221 -10.77 -10.38 -9.38
CA ILE A 221 -10.09 -9.22 -9.91
C ILE A 221 -11.00 -8.01 -9.98
N LEU A 222 -10.75 -7.01 -9.15
CA LEU A 222 -11.63 -5.83 -9.10
C LEU A 222 -11.21 -4.70 -10.05
N ALA A 223 -9.93 -4.56 -10.31
CA ALA A 223 -9.51 -3.53 -11.25
C ALA A 223 -8.25 -3.93 -11.94
N GLU A 224 -8.11 -3.47 -13.17
CA GLU A 224 -6.95 -3.83 -13.97
C GLU A 224 -6.71 -2.75 -15.04
N SER A 225 -5.55 -2.85 -15.69
CA SER A 225 -5.09 -1.89 -16.66
C SER A 225 -4.53 -2.65 -17.84
N ASP A 226 -4.76 -2.17 -19.04
CA ASP A 226 -4.17 -2.83 -20.20
C ASP A 226 -2.68 -2.69 -20.21
N GLU A 227 -2.18 -1.55 -19.75
CA GLU A 227 -0.74 -1.35 -19.69
C GLU A 227 -0.15 -1.99 -18.43
N ALA A 228 -0.82 -1.83 -17.29
CA ALA A 228 -0.26 -2.24 -16.00
C ALA A 228 -0.70 -3.62 -15.50
N GLY A 229 -1.69 -4.23 -16.15
CA GLY A 229 -2.13 -5.55 -15.71
C GLY A 229 -3.04 -5.55 -14.49
N VAL A 230 -3.02 -6.64 -13.73
CA VAL A 230 -3.86 -6.78 -12.55
C VAL A 230 -3.50 -5.71 -11.49
N TYR A 231 -4.50 -4.93 -11.05
CA TYR A 231 -4.28 -3.85 -10.09
C TYR A 231 -4.86 -4.16 -8.72
N VAL A 232 -6.14 -4.54 -8.65
CA VAL A 232 -6.74 -4.93 -7.39
C VAL A 232 -7.48 -6.27 -7.44
N VAL A 233 -7.13 -7.14 -6.50
CA VAL A 233 -7.72 -8.44 -6.34
C VAL A 233 -8.20 -8.55 -4.91
N ALA A 234 -9.25 -9.32 -4.67
CA ALA A 234 -9.78 -9.47 -3.33
C ALA A 234 -10.48 -10.82 -3.07
N ASN A 235 -10.49 -11.20 -1.81
CA ASN A 235 -11.39 -12.19 -1.22
C ASN A 235 -12.82 -11.89 -1.57
N LYS A 236 -13.68 -12.90 -1.54
CA LYS A 236 -15.09 -12.65 -1.73
C LYS A 236 -15.61 -11.80 -0.57
N SER A 237 -15.09 -11.99 0.64
CA SER A 237 -15.54 -11.22 1.79
C SER A 237 -14.80 -9.87 1.88
N GLU A 238 -13.77 -9.70 1.07
CA GLU A 238 -13.01 -8.46 1.06
C GLU A 238 -12.29 -8.24 2.39
N ARG A 239 -12.02 -9.36 3.06
CA ARG A 239 -11.27 -9.35 4.30
C ARG A 239 -9.78 -9.42 3.92
N GLN A 240 -9.51 -9.71 2.66
CA GLN A 240 -8.16 -9.59 2.08
C GLN A 240 -8.22 -8.86 0.76
N ILE A 241 -7.46 -7.77 0.67
CA ILE A 241 -7.43 -6.93 -0.52
C ILE A 241 -6.00 -6.75 -1.01
N PHE A 242 -5.76 -7.05 -2.28
CA PHE A 242 -4.40 -7.03 -2.79
C PHE A 242 -4.23 -5.93 -3.83
N VAL A 243 -3.35 -4.98 -3.56
CA VAL A 243 -3.15 -3.82 -4.46
C VAL A 243 -1.76 -3.82 -5.06
N THR A 244 -1.63 -3.86 -6.39
CA THR A 244 -0.30 -4.02 -6.94
C THR A 244 0.43 -2.73 -7.23
N GLY A 245 -0.25 -1.61 -7.11
CA GLY A 245 0.35 -0.32 -7.46
C GLY A 245 0.50 0.53 -6.22
N HIS A 246 0.68 1.84 -6.42
CA HIS A 246 0.91 2.74 -5.30
C HIS A 246 -0.02 3.93 -5.36
N PRO A 247 -1.30 3.69 -5.06
CA PRO A 247 -2.20 4.80 -5.18
C PRO A 247 -1.82 5.93 -4.19
N GLU A 248 -1.05 5.59 -3.17
CA GLU A 248 -0.77 6.48 -2.05
C GLU A 248 0.38 7.48 -2.30
N TYR A 249 1.06 7.29 -3.43
CA TYR A 249 2.15 8.14 -3.85
C TYR A 249 1.77 9.61 -4.06
N ASP A 250 2.72 10.49 -3.75
CA ASP A 250 2.62 11.94 -3.97
C ASP A 250 2.81 12.26 -5.41
N ARG A 251 2.47 13.48 -5.77
CA ARG A 251 2.70 13.97 -7.12
C ARG A 251 4.16 13.68 -7.52
N TYR A 252 5.03 13.86 -6.55
CA TYR A 252 6.46 13.91 -6.80
C TYR A 252 7.21 12.63 -6.58
N THR A 253 6.56 11.65 -6.00
CA THR A 253 7.26 10.42 -5.65
C THR A 253 8.04 9.89 -6.85
N LEU A 254 7.39 9.73 -7.98
CA LEU A 254 8.07 9.12 -9.13
C LEU A 254 9.20 9.97 -9.62
N ARG A 255 9.01 11.29 -9.54
CA ARG A 255 10.05 12.24 -9.94
C ARG A 255 11.30 12.13 -9.09
N ASP A 256 11.11 12.02 -7.78
CA ASP A 256 12.27 11.93 -6.91
C ASP A 256 13.08 10.66 -7.21
N GLU A 257 12.40 9.54 -7.37
CA GLU A 257 13.04 8.30 -7.79
C GLU A 257 13.79 8.49 -9.11
N TYR A 258 13.16 9.17 -10.05
CA TYR A 258 13.79 9.36 -11.35
C TYR A 258 15.07 10.20 -11.21
N TYR A 259 14.98 11.34 -10.56
CA TYR A 259 16.14 12.22 -10.34
C TYR A 259 17.26 11.51 -9.57
N ARG A 260 16.87 10.70 -8.60
CA ARG A 260 17.82 9.92 -7.82
C ARG A 260 18.62 8.97 -8.71
N ASP A 261 17.92 8.14 -9.49
CA ASP A 261 18.60 7.15 -10.34
C ASP A 261 19.47 7.82 -11.39
N ILE A 262 18.95 8.86 -12.01
CA ILE A 262 19.69 9.61 -13.03
C ILE A 262 20.95 10.24 -12.42
N GLY A 263 20.83 10.75 -11.20
CA GLY A 263 21.97 11.29 -10.46
C GLY A 263 23.02 10.25 -10.09
N ARG A 264 22.64 8.97 -10.11
CA ARG A 264 23.57 7.88 -9.90
C ARG A 264 24.17 7.39 -11.22
N ASN A 265 23.98 8.19 -12.26
CA ASN A 265 24.40 7.85 -13.63
C ASN A 265 23.91 6.48 -14.09
N LEU A 266 22.68 6.13 -13.70
CA LEU A 266 22.00 4.95 -14.24
C LEU A 266 21.06 5.41 -15.37
N LYS A 267 21.07 4.69 -16.49
CA LYS A 267 20.20 5.02 -17.61
C LYS A 267 18.89 4.25 -17.41
N VAL A 268 17.78 4.98 -17.34
CA VAL A 268 16.47 4.36 -17.11
C VAL A 268 15.33 5.10 -17.79
N PRO A 269 14.22 4.40 -18.00
CA PRO A 269 13.04 5.00 -18.62
C PRO A 269 12.42 6.15 -17.82
N ILE A 270 12.05 7.20 -18.53
CA ILE A 270 11.21 8.23 -17.99
C ILE A 270 9.88 7.57 -17.53
N PRO A 271 9.40 7.88 -16.31
CA PRO A 271 8.18 7.20 -15.88
C PRO A 271 7.02 7.48 -16.84
N ALA A 272 6.18 6.48 -17.08
CA ALA A 272 5.16 6.58 -18.13
C ALA A 272 3.95 7.42 -17.73
N ASN A 273 3.49 8.26 -18.65
CA ASN A 273 2.27 9.08 -18.49
C ASN A 273 2.28 9.99 -17.27
N TYR A 274 3.48 10.42 -16.88
CA TYR A 274 3.68 11.15 -15.63
C TYR A 274 4.08 12.59 -15.93
N PHE A 275 5.10 12.77 -16.77
CA PHE A 275 5.60 14.11 -17.07
C PHE A 275 4.90 14.69 -18.28
N PRO A 276 4.43 15.96 -18.18
CA PRO A 276 4.02 16.66 -19.38
C PRO A 276 4.99 16.46 -20.55
N ASN A 277 4.50 15.82 -21.59
CA ASN A 277 5.24 15.68 -22.81
C ASN A 277 6.46 14.81 -22.59
N ASP A 278 6.45 14.05 -21.50
CA ASP A 278 7.64 13.30 -21.06
C ASP A 278 8.86 14.21 -20.84
N ASP A 279 8.62 15.38 -20.25
CA ASP A 279 9.70 16.32 -19.93
C ASP A 279 9.88 16.40 -18.41
N PRO A 280 11.05 15.98 -17.91
CA PRO A 280 11.23 15.80 -16.47
C PRO A 280 11.39 17.09 -15.65
N THR A 281 11.73 18.20 -16.30
CA THR A 281 11.72 19.53 -15.63
C THR A 281 10.29 20.06 -15.50
N LYS A 282 9.42 19.66 -16.42
CA LYS A 282 8.04 20.12 -16.40
C LYS A 282 7.37 19.29 -15.33
N THR A 283 6.67 19.96 -14.41
CA THR A 283 6.15 19.27 -13.22
C THR A 283 4.98 18.33 -13.55
N PRO A 284 4.86 17.24 -12.80
CA PRO A 284 3.83 16.25 -13.15
C PRO A 284 2.44 16.67 -12.74
N ILE A 285 1.47 16.12 -13.48
CA ILE A 285 0.08 16.45 -13.32
C ILE A 285 -0.52 15.38 -12.42
N LEU A 286 -1.21 15.80 -11.36
CA LEU A 286 -1.77 14.85 -10.40
C LEU A 286 -3.11 14.34 -10.88
N THR A 287 -3.16 13.05 -11.22
CA THR A 287 -4.32 12.45 -11.86
C THR A 287 -4.92 11.27 -11.08
N TRP A 288 -4.29 10.85 -9.99
CA TRP A 288 -4.73 9.62 -9.27
C TRP A 288 -5.15 9.88 -7.83
N TRP A 289 -5.20 11.14 -7.43
CA TRP A 289 -5.63 11.51 -6.11
C TRP A 289 -7.08 11.06 -5.91
N SER A 290 -7.93 11.37 -6.89
CA SER A 290 -9.35 11.08 -6.73
C SER A 290 -9.52 9.61 -6.40
N HIS A 291 -8.92 8.76 -7.21
CA HIS A 291 -9.03 7.32 -7.00
C HIS A 291 -8.51 6.94 -5.62
N ALA A 292 -7.32 7.40 -5.28
CA ALA A 292 -6.72 7.04 -4.01
C ALA A 292 -7.66 7.38 -2.86
N HIS A 293 -8.27 8.56 -2.91
CA HIS A 293 -9.07 9.00 -1.79
C HIS A 293 -10.36 8.23 -1.69
N LEU A 294 -11.05 8.06 -2.82
CA LEU A 294 -12.27 7.24 -2.84
C LEU A 294 -11.99 5.85 -2.31
N PHE A 295 -10.90 5.26 -2.80
CA PHE A 295 -10.58 3.89 -2.52
C PHE A 295 -10.39 3.64 -1.03
N PHE A 296 -9.62 4.48 -0.36
CA PHE A 296 -9.34 4.27 1.05
C PHE A 296 -10.51 4.68 1.95
N SER A 297 -11.26 5.71 1.57
CA SER A 297 -12.53 6.00 2.26
C SER A 297 -13.49 4.80 2.20
N ASN A 298 -13.71 4.25 1.02
CA ASN A 298 -14.58 3.10 0.84
C ASN A 298 -14.13 1.92 1.67
N TRP A 299 -12.83 1.69 1.73
CA TRP A 299 -12.32 0.59 2.50
C TRP A 299 -12.75 0.77 3.96
N LEU A 300 -12.53 1.98 4.48
CA LEU A 300 -12.76 2.23 5.87
C LEU A 300 -14.24 2.22 6.19
N ASN A 301 -15.03 2.83 5.32
CA ASN A 301 -16.47 2.94 5.52
C ASN A 301 -17.18 1.60 5.20
N TYR A 302 -16.97 1.08 4.00
CA TYR A 302 -17.72 -0.08 3.50
C TYR A 302 -17.13 -1.43 3.87
N CYS A 303 -15.80 -1.56 3.85
CA CYS A 303 -15.17 -2.86 4.07
C CYS A 303 -14.93 -3.13 5.53
N ILE A 304 -14.98 -2.08 6.33
CA ILE A 304 -14.64 -2.23 7.73
C ILE A 304 -15.77 -1.74 8.62
N TYR A 305 -16.04 -0.45 8.61
CA TYR A 305 -16.97 0.11 9.57
C TYR A 305 -18.36 -0.56 9.53
N GLN A 306 -18.89 -0.78 8.33
CA GLN A 306 -20.22 -1.34 8.24
C GLN A 306 -20.21 -2.86 8.32
N LYS A 307 -19.09 -3.46 8.74
CA LYS A 307 -18.99 -4.93 8.82
C LYS A 307 -18.27 -5.49 10.07
N THR A 308 -17.33 -4.72 10.64
CA THR A 308 -16.55 -5.09 11.83
C THR A 308 -15.10 -4.65 11.61
#